data_7WBO
#
_entry.id   7WBO
#
_cell.length_a   81.121
_cell.length_b   46.893
_cell.length_c   64.474
_cell.angle_alpha   90.000
_cell.angle_beta   125.350
_cell.angle_gamma   90.000
#
_symmetry.space_group_name_H-M   'C 1 2 1'
#
loop_
_entity.id
_entity.type
_entity.pdbx_description
1 polymer 'Sarcoplasmic calcium-binding protein'
2 non-polymer 1,2-ETHANEDIOL
3 non-polymer 'CALCIUM ION'
4 non-polymer 'SODIUM ION'
5 water water
#
_entity_poly.entity_id   1
_entity_poly.type   'polypeptide(L)'
_entity_poly.pdbx_seq_one_letter_code
;DIHMAYSWDNRVKYVVRYMYDIDNNGYLDKNDFECLALRNTLIEGRGEFNSDAYANNQKIMSNLWNEIAELADFNKDGQV
TVDEFKQAVKNLCCGKSFDGFPPCFKTVIGRLFKTIDINGDGLVGVDEYRLDCISRSAFSSVKEIDDAYAKLCTDDDKKA
GGISLNRYQELYAQFISNPDEKCNAVYLFGPLKEVQ
;
_entity_poly.pdbx_strand_id   A
#
# COMPACT_ATOMS: atom_id res chain seq x y z
N HIS A 3 4.69 -6.47 17.35
CA HIS A 3 4.58 -7.90 16.91
C HIS A 3 5.76 -8.23 15.98
N MET A 4 5.99 -9.52 15.71
CA MET A 4 7.02 -10.05 14.77
C MET A 4 6.92 -9.31 13.42
N ALA A 5 8.05 -8.98 12.79
CA ALA A 5 8.10 -8.05 11.64
C ALA A 5 7.14 -8.53 10.55
N TYR A 6 7.11 -9.83 10.28
CA TYR A 6 6.30 -10.35 9.14
C TYR A 6 4.99 -10.97 9.60
N SER A 7 4.60 -10.75 10.88
CA SER A 7 3.25 -11.13 11.33
C SER A 7 2.20 -10.38 10.53
N TRP A 8 1.05 -10.97 10.44
CA TRP A 8 -0.15 -10.30 9.88
C TRP A 8 -0.37 -9.00 10.63
N ASP A 9 -0.30 -8.99 11.94
CA ASP A 9 -0.54 -7.73 12.71
C ASP A 9 0.41 -6.63 12.24
N ASN A 10 1.69 -6.91 12.13
CA ASN A 10 2.67 -5.87 11.78
C ASN A 10 2.42 -5.45 10.34
N ARG A 11 2.14 -6.42 9.44
CA ARG A 11 1.89 -6.07 8.02
C ARG A 11 0.71 -5.12 7.86
N VAL A 12 -0.37 -5.34 8.58
CA VAL A 12 -1.54 -4.45 8.48
C VAL A 12 -1.17 -3.11 9.08
N LYS A 13 -0.44 -3.11 10.20
CA LYS A 13 -0.02 -1.85 10.82
C LYS A 13 0.89 -1.04 9.87
N TYR A 14 1.73 -1.73 9.15
CA TYR A 14 2.61 -1.15 8.13
C TYR A 14 1.79 -0.48 7.04
N VAL A 15 0.79 -1.14 6.53
CA VAL A 15 -0.11 -0.57 5.50
C VAL A 15 -0.76 0.68 6.07
N VAL A 16 -1.29 0.65 7.28
CA VAL A 16 -1.96 1.85 7.82
C VAL A 16 -0.93 2.97 7.89
N ARG A 17 0.26 2.70 8.40
CA ARG A 17 1.31 3.72 8.58
C ARG A 17 1.66 4.34 7.23
N TYR A 18 2.00 3.50 6.26
CA TYR A 18 2.70 3.98 5.04
C TYR A 18 1.75 4.29 3.91
N MET A 19 0.63 3.61 3.80
CA MET A 19 -0.27 3.81 2.67
C MET A 19 -1.25 4.92 3.02
N TYR A 20 -1.60 5.10 4.31
CA TYR A 20 -2.76 5.95 4.66
C TYR A 20 -2.42 7.05 5.67
N ASP A 21 -1.63 6.76 6.69
CA ASP A 21 -1.41 7.70 7.82
C ASP A 21 -0.36 8.74 7.41
N ILE A 22 -0.69 9.56 6.41
CA ILE A 22 0.34 10.47 5.81
C ILE A 22 0.81 11.50 6.85
N ASP A 23 -0.03 11.96 7.79
CA ASP A 23 0.39 12.97 8.77
C ASP A 23 1.04 12.34 10.00
N ASN A 24 1.18 11.00 10.01
CA ASN A 24 2.02 10.22 10.96
C ASN A 24 1.58 10.50 12.38
N ASN A 25 0.27 10.58 12.66
CA ASN A 25 -0.20 10.75 14.06
C ASN A 25 -0.79 9.46 14.64
N GLY A 26 -0.70 8.33 13.92
CA GLY A 26 -1.01 7.01 14.48
C GLY A 26 -2.42 6.54 14.14
N TYR A 27 -3.26 7.41 13.60
CA TYR A 27 -4.64 7.02 13.21
C TYR A 27 -5.06 7.69 11.92
N LEU A 28 -6.15 7.27 11.31
CA LEU A 28 -6.63 7.82 10.03
C LEU A 28 -7.78 8.79 10.30
N ASP A 29 -7.76 9.94 9.64
CA ASP A 29 -8.97 10.81 9.63
C ASP A 29 -8.92 11.64 8.34
N LYS A 30 -9.82 12.58 8.22
CA LYS A 30 -9.98 13.33 6.97
C LYS A 30 -8.69 14.05 6.61
N ASN A 31 -7.94 14.51 7.60
CA ASN A 31 -6.70 15.27 7.28
C ASN A 31 -5.75 14.37 6.48
N ASP A 32 -5.66 13.07 6.78
CA ASP A 32 -4.75 12.19 6.00
C ASP A 32 -5.11 12.26 4.51
N PHE A 33 -6.40 12.21 4.23
CA PHE A 33 -6.89 12.11 2.85
C PHE A 33 -6.76 13.48 2.17
N GLU A 34 -6.90 14.57 2.90
CA GLU A 34 -6.64 15.96 2.38
C GLU A 34 -5.17 16.01 1.95
N CYS A 35 -4.28 15.50 2.79
CA CYS A 35 -2.84 15.56 2.53
C CYS A 35 -2.47 14.62 1.38
N LEU A 36 -3.07 13.43 1.29
CA LEU A 36 -2.84 12.50 0.17
C LEU A 36 -3.30 13.14 -1.15
N ALA A 37 -4.41 13.86 -1.13
CA ALA A 37 -4.92 14.57 -2.34
C ALA A 37 -3.87 15.57 -2.84
N LEU A 38 -3.32 16.33 -1.90
CA LEU A 38 -2.28 17.33 -2.29
C LEU A 38 -1.02 16.61 -2.74
N ARG A 39 -0.55 15.61 -1.98
CA ARG A 39 0.70 14.88 -2.35
C ARG A 39 0.58 14.28 -3.75
N ASN A 40 -0.52 13.62 -4.05
CA ASN A 40 -0.71 12.92 -5.34
C ASN A 40 -0.69 13.96 -6.45
N THR A 41 -1.28 15.10 -6.17
CA THR A 41 -1.38 16.18 -7.20
C THR A 41 0.04 16.62 -7.56
N LEU A 42 0.82 16.89 -6.53
CA LEU A 42 2.17 17.46 -6.77
C LEU A 42 3.09 16.43 -7.37
N ILE A 43 3.00 15.16 -6.97
CA ILE A 43 3.85 14.13 -7.57
C ILE A 43 3.46 13.94 -9.05
N GLU A 44 2.17 13.88 -9.35
CA GLU A 44 1.64 13.78 -10.75
C GLU A 44 2.16 14.95 -11.61
N GLY A 45 2.25 16.15 -11.02
CA GLY A 45 2.60 17.42 -11.68
C GLY A 45 4.10 17.71 -11.65
N ARG A 46 4.92 16.79 -11.13
CA ARG A 46 6.35 17.08 -10.88
C ARG A 46 6.49 18.46 -10.22
N GLY A 47 5.66 18.73 -9.21
CA GLY A 47 5.73 19.93 -8.38
C GLY A 47 4.84 21.03 -8.87
N GLU A 48 4.37 20.95 -10.13
CA GLU A 48 3.35 21.86 -10.67
C GLU A 48 2.02 21.56 -9.98
N PHE A 49 1.26 22.60 -9.68
CA PHE A 49 -0.09 22.43 -9.11
C PHE A 49 -1.14 22.78 -10.19
N ASN A 50 -1.84 21.76 -10.66
CA ASN A 50 -2.95 21.82 -11.67
C ASN A 50 -4.25 21.73 -10.85
N SER A 51 -5.01 22.80 -10.78
CA SER A 51 -6.22 22.90 -9.92
C SER A 51 -7.25 21.84 -10.38
N ASP A 52 -7.28 21.44 -11.64
CA ASP A 52 -8.25 20.39 -12.10
C ASP A 52 -7.81 19.01 -11.58
N ALA A 53 -6.52 18.68 -11.70
CA ALA A 53 -5.91 17.44 -11.17
C ALA A 53 -6.19 17.43 -9.66
N TYR A 54 -6.04 18.55 -8.96
CA TYR A 54 -6.25 18.66 -7.50
C TYR A 54 -7.70 18.32 -7.17
N ALA A 55 -8.65 18.98 -7.84
CA ALA A 55 -10.09 18.69 -7.68
C ALA A 55 -10.39 17.22 -7.91
N ASN A 56 -9.85 16.61 -8.94
CA ASN A 56 -10.05 15.18 -9.23
C ASN A 56 -9.56 14.40 -8.00
N ASN A 57 -8.38 14.74 -7.50
CA ASN A 57 -7.75 13.93 -6.42
C ASN A 57 -8.53 14.13 -5.13
N GLN A 58 -8.96 15.35 -4.87
CA GLN A 58 -9.72 15.68 -3.63
C GLN A 58 -10.97 14.77 -3.67
N LYS A 59 -11.59 14.62 -4.85
CA LYS A 59 -12.84 13.80 -4.94
C LYS A 59 -12.50 12.35 -4.65
N ILE A 60 -11.47 11.83 -5.28
CA ILE A 60 -11.05 10.42 -5.10
C ILE A 60 -10.79 10.22 -3.60
N MET A 61 -10.07 11.14 -2.96
CA MET A 61 -9.63 10.86 -1.57
C MET A 61 -10.80 11.06 -0.62
N SER A 62 -11.68 12.01 -0.86
CA SER A 62 -12.86 12.21 0.01
C SER A 62 -13.69 10.94 -0.07
N ASN A 63 -13.92 10.43 -1.27
CA ASN A 63 -14.75 9.19 -1.39
C ASN A 63 -14.04 8.05 -0.67
N LEU A 64 -12.73 7.94 -0.85
CA LEU A 64 -11.97 6.86 -0.19
C LEU A 64 -12.15 6.94 1.33
N TRP A 65 -11.97 8.09 1.91
CA TRP A 65 -12.11 8.26 3.39
C TRP A 65 -13.52 7.92 3.79
N ASN A 66 -14.52 8.40 3.07
CA ASN A 66 -15.93 8.09 3.45
C ASN A 66 -16.15 6.58 3.44
N GLU A 67 -15.57 5.89 2.46
CA GLU A 67 -15.73 4.43 2.32
C GLU A 67 -15.05 3.76 3.50
N ILE A 68 -13.83 4.13 3.83
CA ILE A 68 -13.06 3.45 4.90
C ILE A 68 -13.77 3.71 6.22
N ALA A 69 -14.18 4.97 6.49
CA ALA A 69 -14.88 5.24 7.77
C ALA A 69 -16.17 4.43 7.82
N GLU A 70 -16.89 4.28 6.71
CA GLU A 70 -18.16 3.50 6.72
C GLU A 70 -17.91 2.05 7.16
N LEU A 71 -16.81 1.46 6.74
CA LEU A 71 -16.53 0.05 6.99
C LEU A 71 -15.75 -0.16 8.28
N ALA A 72 -15.06 0.84 8.81
CA ALA A 72 -14.04 0.61 9.86
C ALA A 72 -14.19 1.48 11.10
N ASP A 73 -15.07 2.49 11.11
CA ASP A 73 -15.16 3.38 12.30
C ASP A 73 -16.11 2.77 13.33
N PHE A 74 -15.65 1.74 14.00
CA PHE A 74 -16.43 0.92 14.95
C PHE A 74 -16.95 1.73 16.13
N ASN A 75 -16.23 2.76 16.57
CA ASN A 75 -16.71 3.57 17.72
C ASN A 75 -17.30 4.91 17.26
N LYS A 76 -17.50 5.07 15.96
CA LYS A 76 -18.25 6.21 15.36
C LYS A 76 -17.66 7.55 15.81
N ASP A 77 -16.34 7.68 15.92
CA ASP A 77 -15.70 8.92 16.41
C ASP A 77 -15.04 9.75 15.31
N GLY A 78 -15.12 9.34 14.03
CA GLY A 78 -14.56 10.11 12.92
C GLY A 78 -13.09 9.86 12.69
N GLN A 79 -12.54 8.85 13.36
CA GLN A 79 -11.15 8.40 13.19
C GLN A 79 -11.14 6.90 13.00
N VAL A 80 -10.16 6.42 12.26
CA VAL A 80 -10.01 4.94 12.16
C VAL A 80 -8.64 4.56 12.70
N THR A 81 -8.64 3.76 13.75
CA THR A 81 -7.39 3.33 14.40
C THR A 81 -6.81 2.12 13.65
N VAL A 82 -5.61 1.77 14.03
CA VAL A 82 -4.99 0.51 13.49
C VAL A 82 -5.90 -0.69 13.83
N ASP A 83 -6.40 -0.79 15.05
CA ASP A 83 -7.21 -1.96 15.43
C ASP A 83 -8.53 -1.96 14.64
N GLU A 84 -9.13 -0.79 14.44
CA GLU A 84 -10.35 -0.70 13.61
C GLU A 84 -10.07 -1.15 12.17
N PHE A 85 -8.98 -0.68 11.59
CA PHE A 85 -8.60 -1.03 10.22
C PHE A 85 -8.38 -2.55 10.16
N LYS A 86 -7.69 -3.10 11.15
CA LYS A 86 -7.44 -4.55 11.20
C LYS A 86 -8.73 -5.35 11.23
N GLN A 87 -9.73 -4.87 12.00
CA GLN A 87 -11.02 -5.55 11.99
C GLN A 87 -11.70 -5.47 10.61
N ALA A 88 -11.61 -4.34 9.92
CA ALA A 88 -12.18 -4.28 8.56
C ALA A 88 -11.44 -5.23 7.61
N VAL A 89 -10.14 -5.40 7.78
CA VAL A 89 -9.37 -6.37 6.96
C VAL A 89 -9.84 -7.78 7.28
N LYS A 90 -10.01 -8.15 8.57
CA LYS A 90 -10.55 -9.48 8.94
C LYS A 90 -11.92 -9.67 8.31
N ASN A 91 -12.75 -8.63 8.31
CA ASN A 91 -14.13 -8.70 7.81
C ASN A 91 -14.18 -8.87 6.29
N LEU A 92 -13.36 -8.10 5.58
CA LEU A 92 -13.61 -7.84 4.15
C LEU A 92 -12.49 -8.35 3.24
N CYS A 93 -11.34 -8.71 3.78
CA CYS A 93 -10.17 -9.11 2.97
C CYS A 93 -9.79 -10.55 3.25
N CYS A 94 -9.65 -10.93 4.51
CA CYS A 94 -9.30 -12.31 4.92
C CYS A 94 -10.29 -13.31 4.28
N GLY A 95 -9.73 -14.30 3.58
CA GLY A 95 -10.46 -15.37 2.89
C GLY A 95 -10.95 -14.98 1.51
N LYS A 96 -10.65 -13.76 1.07
CA LYS A 96 -11.07 -13.26 -0.26
C LYS A 96 -9.82 -13.08 -1.12
N SER A 97 -9.98 -13.19 -2.44
CA SER A 97 -8.90 -12.74 -3.33
C SER A 97 -9.13 -11.28 -3.68
N PHE A 98 -8.14 -10.64 -4.30
CA PHE A 98 -8.14 -9.18 -4.46
C PHE A 98 -9.43 -8.67 -5.07
N ASP A 99 -9.93 -9.35 -6.10
CA ASP A 99 -11.15 -8.85 -6.81
C ASP A 99 -12.35 -8.79 -5.86
N GLY A 100 -12.35 -9.56 -4.77
CA GLY A 100 -13.49 -9.57 -3.85
C GLY A 100 -13.32 -8.56 -2.74
N PHE A 101 -12.20 -7.85 -2.68
CA PHE A 101 -12.03 -6.78 -1.69
C PHE A 101 -13.00 -5.67 -1.99
N PRO A 102 -13.37 -4.87 -0.98
CA PRO A 102 -14.17 -3.67 -1.23
C PRO A 102 -13.37 -2.66 -2.02
N PRO A 103 -14.04 -1.79 -2.79
CA PRO A 103 -13.31 -0.80 -3.55
C PRO A 103 -12.26 0.00 -2.79
N CYS A 104 -12.52 0.42 -1.56
CA CYS A 104 -11.55 1.25 -0.80
C CYS A 104 -10.26 0.50 -0.44
N PHE A 105 -10.26 -0.81 -0.52
CA PHE A 105 -9.04 -1.61 -0.29
C PHE A 105 -8.35 -1.89 -1.63
N LYS A 106 -9.00 -1.64 -2.77
CA LYS A 106 -8.54 -2.03 -4.14
C LYS A 106 -7.94 -0.84 -4.87
N THR A 107 -8.60 0.30 -4.81
CA THR A 107 -8.31 1.41 -5.76
C THR A 107 -6.92 1.97 -5.45
N VAL A 108 -6.46 1.91 -4.20
CA VAL A 108 -5.18 2.42 -3.65
C VAL A 108 -3.97 1.74 -4.39
N ILE A 109 -4.18 0.54 -4.91
CA ILE A 109 -3.03 -0.26 -5.43
C ILE A 109 -2.65 0.21 -6.81
N GLY A 110 -3.62 0.35 -7.67
CA GLY A 110 -3.43 0.91 -9.00
C GLY A 110 -2.61 2.18 -8.84
N ARG A 111 -2.92 3.03 -7.83
CA ARG A 111 -2.26 4.35 -7.77
C ARG A 111 -0.82 4.16 -7.32
N LEU A 112 -0.56 3.32 -6.32
CA LEU A 112 0.81 3.09 -5.81
C LEU A 112 1.58 2.49 -6.99
N PHE A 113 1.01 1.49 -7.63
CA PHE A 113 1.75 0.79 -8.71
C PHE A 113 2.18 1.76 -9.79
N LYS A 114 1.29 2.64 -10.22
CA LYS A 114 1.61 3.61 -11.28
C LYS A 114 2.73 4.52 -10.81
N THR A 115 2.78 4.86 -9.53
CA THR A 115 3.83 5.73 -8.99
C THR A 115 5.16 4.99 -9.00
N ILE A 116 5.20 3.71 -8.60
CA ILE A 116 6.43 2.89 -8.52
C ILE A 116 6.96 2.63 -9.93
N ASP A 117 6.05 2.42 -10.87
CA ASP A 117 6.45 2.01 -12.24
C ASP A 117 6.92 3.26 -12.99
N ILE A 118 8.12 3.73 -12.62
CA ILE A 118 8.66 5.02 -13.12
C ILE A 118 8.75 4.99 -14.63
N ASN A 119 9.14 3.87 -15.24
CA ASN A 119 9.36 3.89 -16.72
C ASN A 119 8.05 3.58 -17.45
N GLY A 120 6.94 3.30 -16.74
CA GLY A 120 5.62 3.15 -17.34
C GLY A 120 5.47 1.92 -18.21
N ASP A 121 6.30 0.90 -18.04
CA ASP A 121 6.24 -0.33 -18.87
C ASP A 121 5.26 -1.37 -18.28
N GLY A 122 4.55 -1.03 -17.21
CA GLY A 122 3.54 -1.95 -16.65
C GLY A 122 4.14 -3.05 -15.80
N LEU A 123 5.42 -2.98 -15.49
CA LEU A 123 6.09 -3.96 -14.62
C LEU A 123 6.89 -3.21 -13.57
N VAL A 124 6.82 -3.63 -12.32
CA VAL A 124 7.78 -3.11 -11.31
C VAL A 124 9.00 -4.01 -11.36
N GLY A 125 10.10 -3.52 -11.90
CA GLY A 125 11.36 -4.24 -11.91
C GLY A 125 12.22 -3.94 -10.68
N VAL A 126 13.37 -4.55 -10.61
CA VAL A 126 14.23 -4.45 -9.40
C VAL A 126 14.64 -2.99 -9.10
N ASP A 127 15.00 -2.22 -10.12
CA ASP A 127 15.41 -0.82 -9.93
C ASP A 127 14.26 -0.08 -9.27
N GLU A 128 13.04 -0.21 -9.79
CA GLU A 128 11.84 0.49 -9.27
C GLU A 128 11.55 0.02 -7.85
N TYR A 129 11.73 -1.27 -7.60
CA TYR A 129 11.52 -1.83 -6.25
C TYR A 129 12.52 -1.22 -5.28
N ARG A 130 13.79 -1.13 -5.68
CA ARG A 130 14.81 -0.55 -4.78
C ARG A 130 14.40 0.87 -4.42
N LEU A 131 13.96 1.63 -5.39
CA LEU A 131 13.60 3.05 -5.13
C LEU A 131 12.38 3.11 -4.23
N ASP A 132 11.41 2.23 -4.46
CA ASP A 132 10.23 2.12 -3.56
C ASP A 132 10.67 1.85 -2.13
N CYS A 133 11.53 0.89 -1.91
CA CYS A 133 11.96 0.46 -0.56
C CYS A 133 12.62 1.61 0.18
N ILE A 134 13.51 2.33 -0.48
CA ILE A 134 14.24 3.44 0.20
C ILE A 134 13.31 4.63 0.41
N SER A 135 12.13 4.68 -0.21
CA SER A 135 11.13 5.76 -0.01
C SER A 135 10.50 5.68 1.38
N ARG A 136 10.59 4.53 2.03
CA ARG A 136 9.98 4.32 3.36
C ARG A 136 11.03 4.06 4.43
N SER A 137 12.15 3.41 4.12
CA SER A 137 13.06 2.84 5.13
C SER A 137 14.54 3.02 4.73
N ALA A 138 15.36 2.99 5.76
CA ALA A 138 16.83 2.99 5.67
C ALA A 138 17.37 1.60 5.41
N PHE A 139 18.34 1.47 4.53
CA PHE A 139 19.08 0.21 4.31
C PHE A 139 20.55 0.56 4.10
N SER A 140 21.41 -0.32 4.54
CA SER A 140 22.87 -0.24 4.29
C SER A 140 23.31 -1.19 3.19
N SER A 141 22.56 -2.28 3.01
CA SER A 141 22.93 -3.40 2.12
C SER A 141 21.94 -3.45 0.96
N VAL A 142 22.41 -3.23 -0.27
CA VAL A 142 21.54 -3.44 -1.47
C VAL A 142 21.19 -4.92 -1.54
N LYS A 143 22.06 -5.81 -1.04
CA LYS A 143 21.74 -7.26 -1.10
C LYS A 143 20.50 -7.58 -0.24
N GLU A 144 20.22 -6.86 0.84
CA GLU A 144 19.03 -7.13 1.69
C GLU A 144 17.76 -6.82 0.86
N ILE A 145 17.77 -5.71 0.15
CA ILE A 145 16.62 -5.32 -0.73
C ILE A 145 16.48 -6.34 -1.85
N ASP A 146 17.61 -6.71 -2.45
CA ASP A 146 17.55 -7.60 -3.63
C ASP A 146 17.13 -9.00 -3.18
N ASP A 147 17.52 -9.45 -2.00
CA ASP A 147 17.08 -10.76 -1.47
C ASP A 147 15.55 -10.71 -1.28
N ALA A 148 14.98 -9.59 -0.82
CA ALA A 148 13.52 -9.50 -0.64
C ALA A 148 12.84 -9.59 -2.01
N TYR A 149 13.35 -8.90 -3.00
CA TYR A 149 12.75 -8.92 -4.34
C TYR A 149 12.79 -10.36 -4.87
N ALA A 150 13.91 -11.03 -4.63
CA ALA A 150 14.07 -12.40 -5.16
C ALA A 150 13.10 -13.39 -4.51
N LYS A 151 12.81 -13.26 -3.23
CA LYS A 151 11.82 -14.08 -2.51
C LYS A 151 10.42 -13.70 -2.94
N LEU A 152 10.19 -12.41 -3.18
CA LEU A 152 8.84 -11.90 -3.51
C LEU A 152 8.41 -12.48 -4.85
N CYS A 153 9.28 -12.37 -5.84
CA CYS A 153 8.90 -12.61 -7.25
C CYS A 153 9.00 -14.10 -7.58
N THR A 154 8.11 -14.59 -8.41
CA THR A 154 8.11 -15.98 -8.93
C THR A 154 8.99 -16.05 -10.15
N ASP A 155 9.28 -17.28 -10.58
CA ASP A 155 10.04 -17.47 -11.81
C ASP A 155 9.28 -16.79 -12.97
N ASP A 156 7.95 -16.87 -13.02
CA ASP A 156 7.21 -16.21 -14.13
C ASP A 156 7.33 -14.66 -14.05
N ASP A 157 7.33 -14.11 -12.84
CA ASP A 157 7.57 -12.65 -12.70
C ASP A 157 8.96 -12.33 -13.25
N LYS A 158 9.96 -13.12 -12.86
CA LYS A 158 11.36 -12.86 -13.26
C LYS A 158 11.44 -12.99 -14.77
N LYS A 159 10.80 -13.98 -15.37
CA LYS A 159 10.82 -14.17 -16.85
C LYS A 159 10.22 -12.95 -17.54
N ALA A 160 9.20 -12.37 -16.95
CA ALA A 160 8.52 -11.18 -17.51
C ALA A 160 9.39 -9.95 -17.39
N GLY A 161 10.25 -9.88 -16.39
CA GLY A 161 11.08 -8.69 -16.09
C GLY A 161 10.49 -7.86 -14.98
N GLY A 162 9.53 -8.39 -14.24
CA GLY A 162 9.07 -7.66 -13.07
C GLY A 162 7.62 -8.03 -12.76
N ILE A 163 7.04 -7.25 -11.87
CA ILE A 163 5.72 -7.54 -11.29
C ILE A 163 4.68 -6.72 -12.02
N SER A 164 3.71 -7.36 -12.68
CA SER A 164 2.59 -6.66 -13.32
C SER A 164 1.60 -6.11 -12.32
N LEU A 165 0.68 -5.33 -12.82
CA LEU A 165 -0.34 -4.72 -11.89
C LEU A 165 -1.17 -5.82 -11.23
N ASN A 166 -1.73 -6.77 -12.00
CA ASN A 166 -2.59 -7.77 -11.32
C ASN A 166 -1.73 -8.64 -10.42
N ARG A 167 -0.47 -8.91 -10.74
CA ARG A 167 0.39 -9.63 -9.79
C ARG A 167 0.61 -8.82 -8.52
N TYR A 168 0.88 -7.52 -8.65
CA TYR A 168 1.11 -6.65 -7.48
C TYR A 168 -0.13 -6.73 -6.60
N GLN A 169 -1.30 -6.72 -7.22
CA GLN A 169 -2.56 -6.77 -6.45
C GLN A 169 -2.67 -8.13 -5.75
N GLU A 170 -2.37 -9.22 -6.46
CA GLU A 170 -2.43 -10.58 -5.87
C GLU A 170 -1.50 -10.63 -4.66
N LEU A 171 -0.29 -10.09 -4.81
CA LEU A 171 0.69 -10.11 -3.71
C LEU A 171 0.20 -9.24 -2.56
N TYR A 172 -0.40 -8.13 -2.87
CA TYR A 172 -0.97 -7.24 -1.83
C TYR A 172 -2.07 -7.98 -1.06
N ALA A 173 -2.94 -8.67 -1.77
CA ALA A 173 -4.07 -9.38 -1.12
C ALA A 173 -3.47 -10.38 -0.12
N GLN A 174 -2.40 -11.05 -0.49
CA GLN A 174 -1.75 -12.00 0.45
C GLN A 174 -1.06 -11.25 1.56
N PHE A 175 -0.41 -10.16 1.25
CA PHE A 175 0.29 -9.32 2.27
C PHE A 175 -0.66 -8.92 3.39
N ILE A 176 -1.86 -8.49 3.03
CA ILE A 176 -2.80 -7.94 4.04
C ILE A 176 -3.69 -9.03 4.61
N SER A 177 -3.72 -10.25 4.09
CA SER A 177 -4.71 -11.28 4.52
C SER A 177 -4.07 -12.58 5.00
N ASN A 178 -2.92 -13.02 4.47
CA ASN A 178 -2.38 -14.37 4.79
C ASN A 178 -1.63 -14.34 6.11
N PRO A 179 -2.02 -15.13 7.13
CA PRO A 179 -1.26 -15.14 8.38
C PRO A 179 0.13 -15.80 8.34
N ASP A 180 0.44 -16.51 7.27
CA ASP A 180 1.70 -17.27 7.17
C ASP A 180 2.88 -16.28 6.98
N GLU A 181 3.76 -16.16 7.96
CA GLU A 181 4.90 -15.20 7.93
C GLU A 181 5.94 -15.60 6.89
N LYS A 182 5.86 -16.82 6.35
CA LYS A 182 6.82 -17.36 5.36
C LYS A 182 6.29 -17.18 3.92
N CYS A 183 5.07 -16.71 3.73
CA CYS A 183 4.48 -16.50 2.39
C CYS A 183 5.36 -15.47 1.64
N ASN A 184 5.69 -15.72 0.39
CA ASN A 184 6.55 -14.83 -0.43
C ASN A 184 6.03 -13.38 -0.42
N ALA A 185 4.72 -13.21 -0.33
CA ALA A 185 4.10 -11.87 -0.47
C ALA A 185 4.48 -10.99 0.70
N VAL A 186 4.99 -11.53 1.81
CA VAL A 186 5.35 -10.68 2.97
C VAL A 186 6.44 -9.67 2.59
N TYR A 187 7.18 -9.87 1.49
CA TYR A 187 8.25 -9.01 1.01
C TYR A 187 7.78 -7.94 0.01
N LEU A 188 6.48 -7.75 -0.13
CA LEU A 188 5.95 -6.84 -1.19
C LEU A 188 6.55 -5.41 -1.09
N PHE A 189 6.68 -4.93 0.15
CA PHE A 189 7.14 -3.54 0.43
C PHE A 189 8.58 -3.53 0.90
N GLY A 190 9.32 -4.62 0.64
CA GLY A 190 10.73 -4.68 1.05
C GLY A 190 10.88 -5.38 2.38
N PRO A 191 12.12 -5.49 2.83
CA PRO A 191 12.38 -6.06 4.15
C PRO A 191 11.63 -5.22 5.17
N LEU A 192 11.07 -5.87 6.18
CA LEU A 192 10.28 -5.17 7.21
C LEU A 192 10.99 -5.23 8.57
N LYS A 193 10.67 -4.23 9.38
CA LYS A 193 10.87 -4.30 10.85
C LYS A 193 9.53 -4.03 11.51
N GLU A 194 9.47 -4.34 12.80
CA GLU A 194 8.30 -3.96 13.62
C GLU A 194 8.05 -2.46 13.48
N VAL A 195 6.80 -2.05 13.30
CA VAL A 195 6.48 -0.62 13.04
C VAL A 195 6.69 0.19 14.33
#